data_7EK3
#
_entry.id   7EK3
#
_cell.length_a   1.00
_cell.length_b   1.00
_cell.length_c   1.00
_cell.angle_alpha   90.00
_cell.angle_beta   90.00
_cell.angle_gamma   90.00
#
_symmetry.space_group_name_H-M   'P 1'
#
_entity_poly.entity_id   1
_entity_poly.type   'polypeptide(L)'
_entity_poly.pdbx_seq_one_letter_code
;MPNPSPPSSSSPVQTLISILRIIPDWSDRTQERGMRQHRTLYDHEKWMHHRSSYRHLRHLLSSLSSRVILSLIPPVIAFT
LVAVVIASYNTAVALDLLPGIFPLLRSSSLPYQLTAPALALLLVFRTEASYSRFEEGRKSWTEVIAGANDFARQIISSVE
TSGDAQLKKALLQYIVAFPVALKCHVIYGSDIARDLQNLLEVDDLLVVLNSKHRPGCIIQFISRSLQLLKLEESRRIMLQ
SKISCFHEGIGICEQLIGTPIPLSATRLTSRFLVLWHLTLPIILWDDCHWIVVPATFISAASLFCIEQVGVLIEEPFPML
ALDDLCNSVRNNVQEALASEKLIRARLAAKGRIQSEQQFQNGQPRPENLYFQ
;
_entity_poly.pdbx_strand_id   A
#
# COMPACT_ATOMS: atom_id res chain seq x y z
N SER A 11 16.16 24.21 28.66
CA SER A 11 15.48 23.12 29.46
C SER A 11 13.99 23.41 29.66
N PRO A 12 13.58 24.60 30.14
CA PRO A 12 12.15 24.89 30.28
C PRO A 12 11.39 24.85 28.94
N VAL A 13 12.05 25.21 27.85
CA VAL A 13 11.44 25.16 26.49
C VAL A 13 11.84 23.85 25.82
N GLN A 14 12.69 23.05 26.49
CA GLN A 14 13.14 21.75 25.94
C GLN A 14 12.49 20.57 26.65
N THR A 15 11.94 20.73 27.84
CA THR A 15 11.16 19.67 28.53
C THR A 15 9.69 19.74 28.11
N LEU A 16 9.22 20.86 27.59
CA LEU A 16 7.84 20.99 27.05
C LEU A 16 7.81 20.60 25.57
N ILE A 17 8.89 20.84 24.82
CA ILE A 17 8.94 20.48 23.38
C ILE A 17 9.02 18.95 23.23
N SER A 18 9.37 18.22 24.29
CA SER A 18 9.53 16.75 24.26
C SER A 18 8.24 16.05 24.70
N ILE A 19 7.52 16.58 25.69
CA ILE A 19 6.21 16.01 26.12
C ILE A 19 5.19 16.12 24.98
N LEU A 20 5.29 17.15 24.14
CA LEU A 20 4.35 17.31 22.99
C LEU A 20 4.58 16.24 21.90
N ARG A 21 5.73 15.58 21.88
CA ARG A 21 6.06 14.57 20.85
C ARG A 21 5.59 13.19 21.31
N ILE A 22 5.03 13.04 22.52
CA ILE A 22 4.70 11.69 23.04
C ILE A 22 3.61 11.09 22.15
N ILE A 23 2.57 11.86 21.86
CA ILE A 23 1.40 11.32 21.10
C ILE A 23 1.77 11.13 19.63
N PRO A 24 2.31 12.11 18.89
CA PRO A 24 2.66 11.83 17.49
C PRO A 24 3.65 10.67 17.32
N ASP A 25 4.60 10.51 18.23
CA ASP A 25 5.54 9.35 18.16
C ASP A 25 4.81 8.02 18.34
N TRP A 26 3.87 7.97 19.27
CA TRP A 26 3.04 6.75 19.47
C TRP A 26 2.21 6.43 18.21
N SER A 27 1.60 7.45 17.62
CA SER A 27 0.79 7.30 16.38
C SER A 27 1.69 6.80 15.25
N ASP A 28 2.90 7.33 15.19
CA ASP A 28 3.85 6.95 14.11
C ASP A 28 4.30 5.51 14.30
N ARG A 29 4.56 5.09 15.54
CA ARG A 29 4.95 3.68 15.84
C ARG A 29 3.76 2.74 15.60
N THR A 30 2.54 3.18 15.80
CA THR A 30 1.33 2.33 15.66
C THR A 30 1.04 2.07 14.19
N GLN A 31 1.12 3.09 13.33
CA GLN A 31 0.73 2.91 11.90
C GLN A 31 1.81 2.10 11.16
N GLU A 32 3.08 2.27 11.52
CA GLU A 32 4.17 1.50 10.86
C GLU A 32 4.04 0.02 11.19
N ARG A 33 3.69 -0.30 12.42
CA ARG A 33 3.42 -1.72 12.80
C ARG A 33 2.21 -2.25 12.00
N GLY A 34 1.25 -1.41 11.64
CA GLY A 34 0.13 -1.82 10.79
C GLY A 34 0.50 -2.05 9.34
N MET A 35 1.53 -1.39 8.82
CA MET A 35 2.10 -1.64 7.47
C MET A 35 2.77 -3.03 7.42
N ARG A 36 3.19 -3.61 8.55
CA ARG A 36 3.96 -4.87 8.55
C ARG A 36 3.04 -6.05 8.83
N GLN A 37 1.74 -5.81 9.02
CA GLN A 37 0.75 -6.88 9.24
C GLN A 37 0.64 -7.70 7.96
N HIS A 38 0.39 -8.98 8.12
CA HIS A 38 0.27 -9.94 7.00
C HIS A 38 -1.16 -9.91 6.46
N ARG A 39 -1.31 -9.78 5.14
CA ARG A 39 -2.64 -9.77 4.49
C ARG A 39 -2.90 -11.11 3.82
N THR A 40 -4.17 -11.39 3.67
CA THR A 40 -4.64 -12.63 3.07
C THR A 40 -5.62 -12.27 1.95
N LEU A 41 -5.62 -13.10 0.93
CA LEU A 41 -6.55 -12.95 -0.21
C LEU A 41 -7.97 -13.18 0.30
N TYR A 42 -8.90 -12.36 -0.17
CA TYR A 42 -10.34 -12.56 0.11
C TYR A 42 -10.81 -13.79 -0.64
N ASP A 43 -11.58 -14.59 0.06
CA ASP A 43 -12.40 -15.66 -0.57
C ASP A 43 -13.89 -15.33 -0.41
N HIS A 44 -14.73 -16.27 -0.81
CA HIS A 44 -16.20 -16.05 -0.90
C HIS A 44 -16.79 -15.75 0.48
N GLU A 45 -16.37 -16.43 1.53
CA GLU A 45 -17.04 -16.19 2.84
C GLU A 45 -16.57 -14.83 3.40
N LYS A 46 -15.36 -14.37 3.07
CA LYS A 46 -14.97 -13.00 3.47
C LYS A 46 -15.76 -11.92 2.71
N TRP A 47 -16.10 -12.14 1.46
CA TRP A 47 -17.01 -11.23 0.72
C TRP A 47 -18.41 -11.18 1.35
N MET A 48 -18.95 -12.30 1.82
CA MET A 48 -20.29 -12.32 2.47
C MET A 48 -20.24 -11.46 3.75
N HIS A 49 -19.18 -11.63 4.53
CA HIS A 49 -18.98 -10.82 5.75
C HIS A 49 -18.75 -9.36 5.36
N HIS A 50 -18.09 -9.10 4.25
CA HIS A 50 -17.82 -7.71 3.79
C HIS A 50 -19.10 -7.04 3.36
N ARG A 51 -20.05 -7.76 2.79
CA ARG A 51 -21.28 -7.16 2.24
C ARG A 51 -22.41 -7.20 3.28
N SER A 52 -22.16 -7.70 4.49
CA SER A 52 -23.26 -7.90 5.47
C SER A 52 -23.91 -6.58 5.87
N SER A 53 -25.16 -6.59 6.28
CA SER A 53 -25.81 -5.39 6.90
C SER A 53 -25.22 -5.00 8.27
N TYR A 54 -24.45 -5.84 8.94
CA TYR A 54 -23.76 -5.46 10.19
C TYR A 54 -22.44 -4.73 9.96
N ARG A 55 -22.01 -4.50 8.71
CA ARG A 55 -20.70 -3.83 8.45
C ARG A 55 -20.72 -2.39 9.01
N HIS A 56 -21.85 -1.71 8.96
CA HIS A 56 -21.94 -0.30 9.46
C HIS A 56 -21.76 -0.27 10.96
N LEU A 57 -22.35 -1.19 11.70
CA LEU A 57 -22.13 -1.21 13.18
C LEU A 57 -20.70 -1.68 13.53
N ARG A 58 -20.20 -2.70 12.95
CA ARG A 58 -18.89 -3.27 13.28
C ARG A 58 -17.71 -2.38 12.88
N HIS A 59 -17.86 -1.59 11.82
CA HIS A 59 -16.84 -0.57 11.46
C HIS A 59 -16.83 0.55 12.50
N LEU A 60 -18.00 0.99 12.94
CA LEU A 60 -18.07 2.04 13.98
C LEU A 60 -17.47 1.50 15.29
N LEU A 61 -17.78 0.26 15.66
CA LEU A 61 -17.24 -0.32 16.93
C LEU A 61 -15.73 -0.53 16.84
N SER A 62 -15.18 -0.78 15.65
CA SER A 62 -13.72 -1.03 15.47
C SER A 62 -12.96 0.27 15.17
N SER A 63 -13.56 1.43 15.43
CA SER A 63 -12.96 2.73 15.09
C SER A 63 -11.84 3.07 16.08
N LEU A 64 -11.80 2.52 17.29
CA LEU A 64 -10.67 2.87 18.22
C LEU A 64 -9.57 1.83 18.13
N SER A 65 -9.66 0.88 17.22
CA SER A 65 -8.55 -0.08 16.96
C SER A 65 -8.03 0.08 15.54
N SER A 66 -8.69 0.89 14.71
CA SER A 66 -8.25 1.22 13.34
C SER A 66 -7.02 2.10 13.41
N ARG A 67 -6.01 1.82 12.62
CA ARG A 67 -4.74 2.57 12.75
C ARG A 67 -4.80 3.90 11.94
N VAL A 68 -5.66 4.05 10.96
CA VAL A 68 -5.97 5.36 10.33
C VAL A 68 -6.38 6.39 11.40
N ILE A 69 -7.31 6.01 12.26
CA ILE A 69 -7.86 6.93 13.29
C ILE A 69 -6.78 7.21 14.34
N LEU A 70 -5.88 6.28 14.57
CA LEU A 70 -4.85 6.51 15.58
C LEU A 70 -3.82 7.48 15.00
N SER A 71 -3.53 7.39 13.73
CA SER A 71 -2.68 8.37 13.03
C SER A 71 -3.32 9.77 13.01
N LEU A 72 -4.63 9.88 13.13
CA LEU A 72 -5.37 11.14 13.08
C LEU A 72 -5.44 11.71 14.46
N ILE A 73 -5.12 10.92 15.46
CA ILE A 73 -5.17 11.53 16.83
C ILE A 73 -4.32 12.84 16.92
N PRO A 74 -3.01 13.07 16.60
CA PRO A 74 -2.31 14.37 16.73
C PRO A 74 -3.00 15.55 16.03
N PRO A 75 -3.33 15.50 14.72
CA PRO A 75 -4.00 16.65 14.11
C PRO A 75 -5.42 16.94 14.67
N VAL A 76 -6.19 15.94 15.03
CA VAL A 76 -7.55 16.18 15.61
C VAL A 76 -7.46 16.81 17.01
N ILE A 77 -6.58 16.38 17.88
CA ILE A 77 -6.47 16.99 19.25
C ILE A 77 -5.94 18.41 19.12
N ALA A 78 -4.94 18.64 18.28
CA ALA A 78 -4.34 19.99 18.10
C ALA A 78 -5.42 21.00 17.71
N PHE A 79 -6.31 20.64 16.78
CA PHE A 79 -7.35 21.60 16.31
C PHE A 79 -8.44 21.72 17.37
N THR A 80 -8.71 20.65 18.07
CA THR A 80 -9.73 20.70 19.14
C THR A 80 -9.29 21.59 20.32
N LEU A 81 -8.02 21.53 20.73
CA LEU A 81 -7.50 22.51 21.72
C LEU A 81 -7.56 23.95 21.19
N VAL A 82 -7.31 24.16 19.89
CA VAL A 82 -7.41 25.53 19.31
C VAL A 82 -8.86 26.00 19.40
N ALA A 83 -9.80 25.13 19.12
CA ALA A 83 -11.23 25.48 19.28
C ALA A 83 -11.54 25.78 20.76
N VAL A 84 -11.01 24.99 21.69
CA VAL A 84 -11.22 25.25 23.14
C VAL A 84 -10.57 26.59 23.52
N VAL A 85 -9.38 26.88 23.08
CA VAL A 85 -8.70 28.17 23.37
C VAL A 85 -9.52 29.36 22.82
N ILE A 86 -9.95 29.27 21.58
CA ILE A 86 -10.73 30.38 20.96
C ILE A 86 -12.06 30.53 21.71
N ALA A 87 -12.71 29.42 22.02
CA ALA A 87 -13.99 29.47 22.77
C ALA A 87 -13.81 30.06 24.16
N SER A 88 -12.75 29.69 24.87
CA SER A 88 -12.48 30.19 26.23
C SER A 88 -12.22 31.68 26.17
N TYR A 89 -11.41 32.10 25.23
CA TYR A 89 -11.13 33.54 25.06
C TYR A 89 -12.41 34.33 24.73
N ASN A 90 -13.23 33.81 23.84
CA ASN A 90 -14.50 34.48 23.44
C ASN A 90 -15.46 34.52 24.62
N THR A 91 -15.54 33.46 25.39
CA THR A 91 -16.44 33.43 26.57
C THR A 91 -15.95 34.44 27.60
N ALA A 92 -14.65 34.50 27.84
CA ALA A 92 -14.08 35.50 28.78
C ALA A 92 -14.35 36.94 28.32
N VAL A 93 -14.28 37.22 27.02
CA VAL A 93 -14.56 38.59 26.50
C VAL A 93 -16.05 38.92 26.69
N ALA A 94 -16.96 37.98 26.43
CA ALA A 94 -18.42 38.21 26.56
C ALA A 94 -18.78 38.52 28.02
N LEU A 95 -17.97 38.04 28.98
CA LEU A 95 -18.26 38.29 30.41
C LEU A 95 -17.54 39.56 30.91
N ASP A 96 -16.89 40.31 30.03
CA ASP A 96 -16.18 41.56 30.39
C ASP A 96 -15.12 41.26 31.46
N LEU A 97 -14.40 40.15 31.33
CA LEU A 97 -13.28 39.81 32.24
C LEU A 97 -11.96 40.32 31.68
N LEU A 98 -11.94 41.05 30.57
CA LEU A 98 -10.69 41.50 29.90
C LEU A 98 -10.69 43.02 29.84
N PRO A 99 -9.50 43.66 29.62
CA PRO A 99 -9.36 45.12 29.62
C PRO A 99 -10.43 45.90 28.84
N GLY A 100 -10.77 45.42 27.64
CA GLY A 100 -11.77 46.09 26.77
C GLY A 100 -11.23 46.39 25.40
N ILE A 101 -9.91 46.45 25.21
CA ILE A 101 -9.29 46.57 23.85
C ILE A 101 -9.36 45.23 23.13
N PHE A 102 -9.80 44.18 23.80
CA PHE A 102 -9.72 42.81 23.25
C PHE A 102 -11.03 42.50 22.54
N PRO A 103 -11.06 42.35 21.20
CA PRO A 103 -12.34 42.08 20.55
C PRO A 103 -12.71 40.58 20.60
N LEU A 104 -13.92 40.29 20.17
CA LEU A 104 -14.42 38.90 20.01
C LEU A 104 -13.92 38.33 18.67
N LEU A 105 -13.26 37.19 18.72
CA LEU A 105 -12.71 36.50 17.51
C LEU A 105 -13.85 35.79 16.76
N ARG A 106 -14.60 36.57 16.02
CA ARG A 106 -15.74 36.07 15.23
C ARG A 106 -15.63 36.60 13.80
N SER A 107 -16.21 35.88 12.89
CA SER A 107 -16.25 36.26 11.47
C SER A 107 -17.45 35.59 10.83
N SER A 108 -17.85 36.17 9.71
CA SER A 108 -18.88 35.62 8.81
C SER A 108 -18.39 34.28 8.23
N SER A 109 -19.32 33.36 8.02
CA SER A 109 -19.00 32.06 7.42
C SER A 109 -19.06 32.14 5.89
N LEU A 110 -19.41 33.29 5.31
CA LEU A 110 -19.60 33.41 3.85
C LEU A 110 -18.30 33.10 3.11
N PRO A 111 -17.11 33.63 3.48
CA PRO A 111 -15.88 33.21 2.79
C PRO A 111 -15.65 31.67 2.77
N TYR A 112 -15.99 30.96 3.83
CA TYR A 112 -15.82 29.48 3.88
C TYR A 112 -16.89 28.81 3.02
N GLN A 113 -18.09 29.35 2.96
CA GLN A 113 -19.16 28.78 2.08
C GLN A 113 -18.69 28.80 0.61
N LEU A 114 -18.07 29.90 0.19
CA LEU A 114 -17.57 30.03 -1.20
C LEU A 114 -16.42 29.04 -1.49
N THR A 115 -15.56 28.80 -0.51
CA THR A 115 -14.37 27.95 -0.73
C THR A 115 -14.61 26.52 -0.25
N ALA A 116 -15.74 26.19 0.34
CA ALA A 116 -15.99 24.80 0.82
C ALA A 116 -15.92 23.81 -0.35
N PRO A 117 -16.61 24.00 -1.49
CA PRO A 117 -16.47 23.01 -2.57
C PRO A 117 -15.04 22.87 -3.16
N ALA A 118 -14.21 23.89 -3.09
CA ALA A 118 -12.81 23.72 -3.60
C ALA A 118 -11.99 22.78 -2.70
N LEU A 119 -12.10 22.92 -1.39
CA LEU A 119 -11.38 22.04 -0.43
C LEU A 119 -11.80 20.58 -0.66
N ALA A 120 -13.09 20.31 -0.78
CA ALA A 120 -13.61 18.93 -0.95
C ALA A 120 -13.08 18.31 -2.25
N LEU A 121 -13.18 19.08 -3.32
CA LEU A 121 -12.70 18.57 -4.63
C LEU A 121 -11.19 18.30 -4.58
N LEU A 122 -10.42 19.18 -4.00
CA LEU A 122 -8.96 18.92 -3.89
C LEU A 122 -8.66 17.69 -3.01
N LEU A 123 -9.31 17.57 -1.88
CA LEU A 123 -9.11 16.39 -0.98
C LEU A 123 -9.44 15.08 -1.72
N VAL A 124 -10.55 15.07 -2.43
CA VAL A 124 -10.92 13.82 -3.15
C VAL A 124 -10.00 13.57 -4.36
N PHE A 125 -9.54 14.59 -5.02
CA PHE A 125 -8.53 14.44 -6.10
C PHE A 125 -7.24 13.75 -5.62
N ARG A 126 -6.69 14.15 -4.51
CA ARG A 126 -5.46 13.57 -3.97
C ARG A 126 -5.71 12.13 -3.57
N THR A 127 -6.87 11.87 -3.00
CA THR A 127 -7.15 10.45 -2.64
C THR A 127 -7.40 9.60 -3.91
N GLU A 128 -8.10 10.13 -4.89
CA GLU A 128 -8.22 9.42 -6.20
C GLU A 128 -6.84 9.15 -6.87
N ALA A 129 -5.93 10.11 -6.83
CA ALA A 129 -4.56 9.92 -7.35
C ALA A 129 -3.88 8.78 -6.57
N SER A 130 -4.02 8.77 -5.25
CA SER A 130 -3.46 7.66 -4.43
C SER A 130 -4.10 6.32 -4.80
N TYR A 131 -5.41 6.29 -4.97
CA TYR A 131 -6.07 5.02 -5.37
C TYR A 131 -5.62 4.57 -6.77
N SER A 132 -5.35 5.51 -7.66
CA SER A 132 -4.81 5.14 -9.00
C SER A 132 -3.42 4.44 -8.87
N ARG A 133 -2.61 4.84 -7.93
CA ARG A 133 -1.30 4.21 -7.69
C ARG A 133 -1.50 2.82 -7.09
N PHE A 134 -2.46 2.66 -6.18
CA PHE A 134 -2.81 1.31 -5.69
C PHE A 134 -3.28 0.42 -6.86
N GLU A 135 -4.12 0.93 -7.74
CA GLU A 135 -4.62 0.11 -8.88
C GLU A 135 -3.49 -0.26 -9.83
N GLU A 136 -2.60 0.65 -10.08
CA GLU A 136 -1.45 0.37 -10.94
C GLU A 136 -0.54 -0.70 -10.29
N GLY A 137 -0.33 -0.62 -9.00
CA GLY A 137 0.40 -1.67 -8.28
C GLY A 137 -0.28 -3.02 -8.32
N ARG A 138 -1.58 -3.02 -8.19
CA ARG A 138 -2.36 -4.28 -8.28
C ARG A 138 -2.29 -4.90 -9.70
N LYS A 139 -2.45 -4.12 -10.78
CA LYS A 139 -2.38 -4.65 -12.15
C LYS A 139 -0.97 -5.18 -12.45
N SER A 140 0.03 -4.52 -11.94
CA SER A 140 1.43 -4.91 -12.24
C SER A 140 1.66 -6.28 -11.63
N TRP A 141 1.16 -6.50 -10.41
CA TRP A 141 1.33 -7.82 -9.75
C TRP A 141 0.47 -8.87 -10.47
N THR A 142 -0.72 -8.50 -10.87
CA THR A 142 -1.56 -9.42 -11.67
C THR A 142 -0.84 -9.89 -12.94
N GLU A 143 -0.30 -8.98 -13.70
CA GLU A 143 0.48 -9.31 -14.90
C GLU A 143 1.73 -10.17 -14.56
N VAL A 144 2.50 -9.88 -13.55
CA VAL A 144 3.71 -10.67 -13.19
C VAL A 144 3.29 -12.08 -12.76
N ILE A 145 2.25 -12.23 -11.95
CA ILE A 145 1.81 -13.59 -11.54
C ILE A 145 1.23 -14.33 -12.76
N ALA A 146 0.46 -13.70 -13.63
CA ALA A 146 -0.07 -14.39 -14.83
C ALA A 146 1.05 -14.73 -15.81
N GLY A 147 2.05 -13.88 -15.95
CA GLY A 147 3.22 -14.21 -16.78
C GLY A 147 4.04 -15.33 -16.19
N ALA A 148 4.20 -15.36 -14.86
CA ALA A 148 4.95 -16.49 -14.25
C ALA A 148 4.18 -17.80 -14.44
N ASN A 149 2.87 -17.76 -14.35
CA ASN A 149 2.03 -18.97 -14.58
C ASN A 149 2.11 -19.41 -16.03
N ASP A 150 1.99 -18.48 -16.94
CA ASP A 150 2.10 -18.76 -18.39
C ASP A 150 3.48 -19.33 -18.78
N PHE A 151 4.53 -18.69 -18.33
CA PHE A 151 5.90 -19.09 -18.68
C PHE A 151 6.18 -20.52 -18.19
N ALA A 152 5.76 -20.79 -16.96
CA ALA A 152 5.96 -22.12 -16.34
C ALA A 152 5.15 -23.17 -17.10
N ARG A 153 3.91 -22.80 -17.45
CA ARG A 153 3.06 -23.75 -18.21
C ARG A 153 3.73 -24.08 -19.55
N GLN A 154 4.25 -23.09 -20.25
CA GLN A 154 4.91 -23.33 -21.56
C GLN A 154 6.21 -24.13 -21.37
N ILE A 155 7.01 -23.82 -20.34
CA ILE A 155 8.25 -24.61 -20.09
C ILE A 155 7.90 -26.09 -19.87
N ILE A 156 6.81 -26.38 -19.16
CA ILE A 156 6.44 -27.81 -18.89
C ILE A 156 6.09 -28.50 -20.22
N SER A 157 5.47 -27.81 -21.16
CA SER A 157 5.10 -28.36 -22.50
C SER A 157 6.29 -28.37 -23.47
N SER A 158 6.98 -27.23 -23.57
CA SER A 158 7.97 -26.98 -24.64
C SER A 158 9.17 -27.89 -24.48
N VAL A 159 9.66 -28.00 -23.24
CA VAL A 159 10.99 -28.64 -22.99
C VAL A 159 10.73 -30.14 -22.98
N GLU A 160 11.21 -30.85 -23.98
CA GLU A 160 10.88 -32.29 -24.19
C GLU A 160 12.07 -33.19 -23.87
N THR A 161 13.25 -32.81 -24.36
CA THR A 161 14.47 -33.64 -24.39
C THR A 161 14.79 -34.12 -22.98
N SER A 162 15.09 -35.40 -22.83
CA SER A 162 15.40 -36.00 -21.51
C SER A 162 16.81 -35.61 -21.02
N GLY A 163 17.69 -35.15 -21.90
CA GLY A 163 19.01 -34.63 -21.50
C GLY A 163 18.91 -33.28 -20.83
N ASP A 164 17.78 -32.60 -20.96
CA ASP A 164 17.55 -31.27 -20.33
C ASP A 164 16.67 -31.38 -19.07
N ALA A 165 16.59 -32.55 -18.45
CA ALA A 165 15.78 -32.74 -17.21
C ALA A 165 16.24 -31.83 -16.06
N GLN A 166 17.54 -31.73 -15.80
CA GLN A 166 18.04 -30.91 -14.68
C GLN A 166 17.90 -29.44 -15.00
N LEU A 167 18.13 -29.05 -16.23
CA LEU A 167 18.00 -27.62 -16.59
C LEU A 167 16.52 -27.21 -16.57
N LYS A 168 15.61 -28.09 -16.94
CA LYS A 168 14.16 -27.78 -16.88
C LYS A 168 13.72 -27.64 -15.42
N LYS A 169 14.21 -28.54 -14.56
CA LYS A 169 13.95 -28.44 -13.09
C LYS A 169 14.47 -27.10 -12.56
N ALA A 170 15.66 -26.72 -12.94
CA ALA A 170 16.31 -25.48 -12.45
C ALA A 170 15.51 -24.31 -12.93
N LEU A 171 15.10 -24.34 -14.20
CA LEU A 171 14.43 -23.17 -14.81
C LEU A 171 13.06 -23.00 -14.16
N LEU A 172 12.35 -24.09 -13.87
CA LEU A 172 11.04 -23.95 -13.17
C LEU A 172 11.22 -23.44 -11.74
N GLN A 173 12.31 -23.75 -11.05
CA GLN A 173 12.62 -23.15 -9.72
C GLN A 173 12.83 -21.62 -9.85
N TYR A 174 13.52 -21.13 -10.84
CA TYR A 174 13.72 -19.65 -10.99
C TYR A 174 12.42 -18.92 -11.36
N ILE A 175 11.53 -19.48 -12.15
CA ILE A 175 10.24 -18.77 -12.44
C ILE A 175 9.39 -18.72 -11.16
N VAL A 176 9.39 -19.72 -10.29
CA VAL A 176 8.62 -19.58 -9.01
C VAL A 176 9.35 -18.59 -8.08
N ALA A 177 10.69 -18.60 -8.07
CA ALA A 177 11.47 -17.72 -7.17
C ALA A 177 11.37 -16.24 -7.55
N PHE A 178 11.15 -15.90 -8.81
CA PHE A 178 11.15 -14.49 -9.29
C PHE A 178 10.07 -13.65 -8.57
N PRO A 179 8.79 -14.05 -8.46
CA PRO A 179 7.83 -13.23 -7.71
C PRO A 179 8.18 -13.10 -6.21
N VAL A 180 8.76 -14.13 -5.63
CA VAL A 180 9.21 -13.99 -4.22
C VAL A 180 10.33 -12.92 -4.16
N ALA A 181 11.26 -12.93 -5.10
CA ALA A 181 12.38 -11.95 -5.11
C ALA A 181 11.83 -10.55 -5.31
N LEU A 182 10.86 -10.40 -6.20
CA LEU A 182 10.26 -9.06 -6.42
C LEU A 182 9.51 -8.58 -5.17
N LYS A 183 8.80 -9.47 -4.51
CA LYS A 183 8.11 -9.11 -3.25
C LYS A 183 9.16 -8.67 -2.21
N CYS A 184 10.24 -9.40 -2.06
CA CYS A 184 11.28 -9.00 -1.07
C CYS A 184 11.93 -7.68 -1.49
N HIS A 185 11.97 -7.40 -2.78
CA HIS A 185 12.58 -6.14 -3.29
C HIS A 185 11.72 -4.90 -2.99
N VAL A 186 10.43 -5.02 -2.79
CA VAL A 186 9.47 -3.88 -2.61
C VAL A 186 8.97 -3.81 -1.18
N ILE A 187 9.19 -4.79 -0.32
CA ILE A 187 8.74 -4.76 1.12
C ILE A 187 9.93 -4.48 2.01
N TYR A 188 9.83 -3.59 3.00
CA TYR A 188 11.01 -3.04 3.71
C TYR A 188 11.79 -4.12 4.50
N GLY A 189 11.18 -4.83 5.43
CA GLY A 189 12.00 -5.80 6.17
C GLY A 189 11.72 -7.13 5.59
N SER A 190 12.56 -7.62 4.73
CA SER A 190 12.23 -8.86 4.01
C SER A 190 13.42 -9.77 4.23
N ASP A 191 13.18 -11.05 4.30
CA ASP A 191 14.29 -12.01 4.38
C ASP A 191 14.19 -12.86 3.12
N ILE A 192 14.83 -12.42 2.04
CA ILE A 192 14.85 -13.21 0.77
C ILE A 192 15.54 -14.55 1.00
N ALA A 193 16.55 -14.62 1.85
CA ALA A 193 17.25 -15.90 2.15
C ALA A 193 16.27 -16.92 2.76
N ARG A 194 15.44 -16.46 3.70
CA ARG A 194 14.44 -17.33 4.36
C ARG A 194 13.33 -17.70 3.37
N ASP A 195 12.90 -16.78 2.53
CA ASP A 195 11.77 -17.03 1.59
C ASP A 195 12.20 -17.86 0.39
N LEU A 196 13.47 -17.86 0.02
CA LEU A 196 13.98 -18.66 -1.12
C LEU A 196 14.71 -19.91 -0.65
N GLN A 197 14.65 -20.27 0.62
CA GLN A 197 15.49 -21.38 1.16
C GLN A 197 15.07 -22.74 0.59
N ASN A 198 13.78 -22.95 0.37
CA ASN A 198 13.24 -24.23 -0.15
C ASN A 198 12.81 -24.11 -1.61
N LEU A 199 12.99 -22.99 -2.26
CA LEU A 199 12.70 -22.81 -3.70
C LEU A 199 13.98 -22.92 -4.54
N LEU A 200 15.12 -22.41 -4.08
CA LEU A 200 16.37 -22.44 -4.88
C LEU A 200 17.35 -23.41 -4.25
N GLU A 201 18.30 -23.87 -5.07
CA GLU A 201 19.42 -24.72 -4.61
C GLU A 201 20.35 -23.91 -3.71
N VAL A 202 21.11 -24.59 -2.88
CA VAL A 202 21.95 -23.87 -1.88
C VAL A 202 23.00 -23.02 -2.64
N ASP A 203 23.61 -23.53 -3.68
CA ASP A 203 24.63 -22.77 -4.45
C ASP A 203 23.99 -21.73 -5.37
N ASP A 204 22.79 -21.98 -5.90
CA ASP A 204 22.06 -20.95 -6.68
C ASP A 204 21.65 -19.77 -5.81
N LEU A 205 21.28 -19.99 -4.55
CA LEU A 205 20.79 -18.91 -3.64
C LEU A 205 21.98 -18.06 -3.22
N LEU A 206 23.18 -18.63 -3.09
CA LEU A 206 24.37 -17.81 -2.74
C LEU A 206 24.67 -16.76 -3.82
N VAL A 207 24.56 -17.10 -5.09
CA VAL A 207 24.79 -16.15 -6.21
C VAL A 207 23.70 -15.09 -6.15
N VAL A 208 22.46 -15.44 -5.85
CA VAL A 208 21.39 -14.42 -5.83
C VAL A 208 21.61 -13.49 -4.63
N LEU A 209 21.93 -14.05 -3.48
CA LEU A 209 22.18 -13.21 -2.26
C LEU A 209 23.38 -12.27 -2.45
N ASN A 210 24.35 -12.58 -3.29
CA ASN A 210 25.52 -11.68 -3.52
C ASN A 210 25.20 -10.57 -4.50
N SER A 211 24.02 -10.56 -5.09
CA SER A 211 23.65 -9.56 -6.10
C SER A 211 22.88 -8.43 -5.42
N LYS A 212 23.18 -7.20 -5.77
CA LYS A 212 22.41 -6.03 -5.30
C LYS A 212 20.99 -6.02 -5.87
N HIS A 213 20.76 -6.42 -7.12
CA HIS A 213 19.40 -6.40 -7.71
C HIS A 213 18.96 -7.85 -7.87
N ARG A 214 18.37 -8.42 -6.83
CA ARG A 214 18.11 -9.90 -6.78
C ARG A 214 17.06 -10.31 -7.81
N PRO A 215 15.93 -9.63 -7.97
CA PRO A 215 15.03 -9.96 -9.07
C PRO A 215 15.69 -9.89 -10.44
N GLY A 216 16.55 -8.93 -10.68
CA GLY A 216 17.43 -8.89 -11.88
C GLY A 216 18.32 -10.14 -12.01
N CYS A 217 18.88 -10.63 -10.94
CA CYS A 217 19.77 -11.83 -10.95
C CYS A 217 19.01 -13.11 -11.34
N ILE A 218 17.81 -13.28 -10.84
CA ILE A 218 16.98 -14.46 -11.21
C ILE A 218 16.64 -14.40 -12.70
N ILE A 219 16.34 -13.22 -13.21
CA ILE A 219 16.06 -13.10 -14.68
C ILE A 219 17.27 -13.62 -15.47
N GLN A 220 18.47 -13.21 -15.07
CA GLN A 220 19.70 -13.64 -15.76
C GLN A 220 19.92 -15.17 -15.70
N PHE A 221 19.56 -15.83 -14.62
CA PHE A 221 19.56 -17.32 -14.58
C PHE A 221 18.54 -17.91 -15.54
N ILE A 222 17.34 -17.36 -15.57
CA ILE A 222 16.31 -17.81 -16.54
C ILE A 222 16.82 -17.60 -17.96
N SER A 223 17.41 -16.43 -18.24
CA SER A 223 17.81 -16.08 -19.63
C SER A 223 18.98 -16.99 -20.05
N ARG A 224 19.89 -17.25 -19.15
CA ARG A 224 21.04 -18.15 -19.48
C ARG A 224 20.56 -19.60 -19.63
N SER A 225 19.58 -20.04 -18.83
CA SER A 225 19.01 -21.42 -18.91
C SER A 225 18.36 -21.65 -20.29
N LEU A 226 17.64 -20.65 -20.79
CA LEU A 226 17.01 -20.76 -22.15
C LEU A 226 18.07 -20.79 -23.26
N GLN A 227 19.27 -20.26 -23.04
CA GLN A 227 20.33 -20.37 -24.07
C GLN A 227 21.02 -21.73 -24.06
N LEU A 228 20.90 -22.50 -22.99
CA LEU A 228 21.62 -23.80 -22.87
C LEU A 228 20.69 -24.97 -23.21
N LEU A 229 19.38 -24.75 -23.26
CA LEU A 229 18.45 -25.84 -23.64
C LEU A 229 18.62 -26.18 -25.12
N LYS A 230 18.46 -27.47 -25.43
CA LYS A 230 18.44 -28.01 -26.80
C LYS A 230 17.02 -27.71 -27.33
N LEU A 231 16.93 -26.56 -27.97
CA LEU A 231 15.70 -26.07 -28.57
C LEU A 231 15.98 -25.62 -30.00
N GLU A 232 14.98 -25.75 -30.85
CA GLU A 232 14.94 -25.00 -32.13
C GLU A 232 14.88 -23.49 -31.84
N GLU A 233 15.46 -22.72 -32.75
CA GLU A 233 15.62 -21.28 -32.49
C GLU A 233 14.24 -20.60 -32.41
N SER A 234 13.29 -20.98 -33.27
CA SER A 234 11.91 -20.40 -33.26
C SER A 234 11.25 -20.63 -31.89
N ARG A 235 11.42 -21.82 -31.33
CA ARG A 235 10.85 -22.15 -29.99
C ARG A 235 11.58 -21.34 -28.92
N ARG A 236 12.90 -21.25 -28.99
CA ARG A 236 13.61 -20.40 -27.99
C ARG A 236 13.15 -18.94 -28.03
N ILE A 237 12.96 -18.35 -29.20
CA ILE A 237 12.49 -16.94 -29.31
C ILE A 237 11.10 -16.82 -28.67
N MET A 238 10.28 -17.84 -28.85
CA MET A 238 8.93 -17.83 -28.23
C MET A 238 9.07 -17.86 -26.69
N LEU A 239 9.97 -18.69 -26.16
CA LEU A 239 10.14 -18.77 -24.68
C LEU A 239 10.78 -17.49 -24.13
N GLN A 240 11.80 -16.95 -24.76
CA GLN A 240 12.51 -15.77 -24.19
C GLN A 240 11.70 -14.51 -24.38
N SER A 241 10.66 -14.53 -25.17
CA SER A 241 9.70 -13.39 -25.22
C SER A 241 8.81 -13.31 -23.97
N LYS A 242 8.73 -14.39 -23.20
CA LYS A 242 7.95 -14.38 -21.94
C LYS A 242 8.69 -13.72 -20.76
N ILE A 243 9.96 -13.42 -20.89
CA ILE A 243 10.78 -12.75 -19.84
C ILE A 243 10.46 -11.26 -19.74
N SER A 244 10.01 -10.62 -20.80
CA SER A 244 9.82 -9.14 -20.81
C SER A 244 8.79 -8.71 -19.74
N CYS A 245 7.85 -9.57 -19.39
CA CYS A 245 6.85 -9.19 -18.38
C CYS A 245 7.56 -9.05 -17.01
N PHE A 246 8.56 -9.84 -16.74
CA PHE A 246 9.37 -9.64 -15.52
C PHE A 246 10.13 -8.29 -15.49
N HIS A 247 10.74 -7.88 -16.58
CA HIS A 247 11.37 -6.53 -16.63
C HIS A 247 10.31 -5.43 -16.46
N GLU A 248 9.15 -5.60 -17.08
CA GLU A 248 8.05 -4.61 -16.95
C GLU A 248 7.59 -4.53 -15.48
N GLY A 249 7.51 -5.69 -14.81
CA GLY A 249 7.09 -5.78 -13.40
C GLY A 249 8.04 -5.07 -12.50
N ILE A 250 9.31 -5.32 -12.74
CA ILE A 250 10.37 -4.60 -11.96
C ILE A 250 10.24 -3.10 -12.21
N GLY A 251 10.06 -2.66 -13.44
CA GLY A 251 9.99 -1.23 -13.77
C GLY A 251 8.82 -0.55 -13.13
N ILE A 252 7.65 -1.14 -13.27
CA ILE A 252 6.43 -0.50 -12.72
C ILE A 252 6.58 -0.47 -11.19
N CYS A 253 7.06 -1.53 -10.56
CA CYS A 253 7.06 -1.59 -9.08
C CYS A 253 8.09 -0.63 -8.52
N GLU A 254 9.26 -0.53 -9.14
CA GLU A 254 10.31 0.41 -8.70
C GLU A 254 9.88 1.89 -8.88
N GLN A 255 9.03 2.27 -9.80
CA GLN A 255 8.67 3.69 -10.05
C GLN A 255 7.61 4.11 -9.05
N LEU A 256 6.92 3.16 -8.49
CA LEU A 256 5.84 3.45 -7.55
C LEU A 256 6.53 3.72 -6.22
N ILE A 257 7.59 3.01 -5.91
CA ILE A 257 8.36 3.33 -4.68
C ILE A 257 9.26 4.55 -4.94
N GLY A 258 9.89 4.72 -6.08
CA GLY A 258 10.81 5.84 -6.32
C GLY A 258 10.12 7.17 -6.50
N THR A 259 9.01 7.21 -7.22
CA THR A 259 8.38 8.49 -7.61
C THR A 259 7.05 8.59 -6.92
N PRO A 260 6.89 9.39 -5.86
CA PRO A 260 5.54 9.58 -5.29
C PRO A 260 4.68 10.54 -6.10
N ILE A 261 3.46 10.77 -5.65
CA ILE A 261 2.59 11.83 -6.23
C ILE A 261 3.33 13.14 -6.10
N PRO A 262 3.35 14.03 -7.10
CA PRO A 262 4.20 15.23 -7.00
C PRO A 262 3.87 15.98 -5.68
N LEU A 263 4.95 16.23 -4.96
CA LEU A 263 4.88 16.63 -3.54
C LEU A 263 4.29 18.02 -3.38
N SER A 264 4.37 18.87 -4.39
CA SER A 264 3.66 20.17 -4.42
C SER A 264 2.14 19.98 -4.25
N ALA A 265 1.55 18.96 -4.85
CA ALA A 265 0.09 18.67 -4.73
C ALA A 265 -0.22 18.14 -3.33
N THR A 266 0.64 17.32 -2.75
CA THR A 266 0.36 16.75 -1.41
C THR A 266 0.58 17.81 -0.34
N ARG A 267 1.57 18.67 -0.45
CA ARG A 267 1.73 19.76 0.56
C ARG A 267 0.59 20.79 0.46
N LEU A 268 0.01 20.99 -0.72
CA LEU A 268 -1.11 21.94 -0.84
C LEU A 268 -2.31 21.39 -0.05
N THR A 269 -2.61 20.12 -0.20
CA THR A 269 -3.74 19.52 0.55
C THR A 269 -3.50 19.59 2.07
N SER A 270 -2.29 19.39 2.51
CA SER A 270 -1.92 19.50 3.93
C SER A 270 -2.13 20.95 4.41
N ARG A 271 -1.57 21.92 3.68
CA ARG A 271 -1.59 23.34 4.12
C ARG A 271 -3.04 23.84 4.15
N PHE A 272 -3.81 23.58 3.10
CA PHE A 272 -5.24 23.97 2.98
C PHE A 272 -6.08 23.39 4.14
N LEU A 273 -5.88 22.15 4.46
CA LEU A 273 -6.59 21.49 5.59
C LEU A 273 -6.12 22.07 6.92
N VAL A 274 -4.86 22.47 7.05
CA VAL A 274 -4.41 23.03 8.36
C VAL A 274 -4.98 24.44 8.54
N LEU A 275 -4.88 25.28 7.51
CA LEU A 275 -5.41 26.68 7.59
C LEU A 275 -6.94 26.65 7.75
N TRP A 276 -7.59 25.72 7.08
CA TRP A 276 -9.06 25.69 7.18
C TRP A 276 -9.53 25.36 8.60
N HIS A 277 -8.88 24.45 9.30
CA HIS A 277 -9.28 24.03 10.66
C HIS A 277 -8.73 25.01 11.70
N LEU A 278 -7.82 25.90 11.35
CA LEU A 278 -7.26 26.87 12.34
C LEU A 278 -8.23 28.02 12.56
N THR A 279 -8.91 28.48 11.50
CA THR A 279 -9.86 29.61 11.63
C THR A 279 -11.30 29.12 11.61
N LEU A 280 -11.55 27.80 11.54
CA LEU A 280 -12.92 27.26 11.48
C LEU A 280 -13.66 27.57 12.78
N PRO A 281 -13.10 27.43 14.00
CA PRO A 281 -13.81 27.90 15.19
C PRO A 281 -14.17 29.39 15.15
N ILE A 282 -13.37 30.23 14.52
CA ILE A 282 -13.62 31.69 14.52
C ILE A 282 -14.89 31.96 13.70
N ILE A 283 -15.05 31.33 12.54
CA ILE A 283 -16.20 31.59 11.66
C ILE A 283 -17.43 30.84 12.15
N LEU A 284 -17.27 29.81 12.95
CA LEU A 284 -18.44 29.05 13.39
C LEU A 284 -19.00 29.63 14.69
N TRP A 285 -18.38 30.61 15.34
CA TRP A 285 -18.73 31.05 16.72
C TRP A 285 -20.13 31.66 16.87
N ASP A 286 -20.52 32.57 16.00
CA ASP A 286 -21.79 33.29 16.08
C ASP A 286 -22.97 32.36 16.00
N ASP A 287 -22.79 31.27 15.31
CA ASP A 287 -23.89 30.32 15.09
C ASP A 287 -23.77 29.19 16.08
N CYS A 288 -22.61 28.91 16.65
CA CYS A 288 -22.43 27.65 17.43
C CYS A 288 -22.01 27.86 18.89
N HIS A 289 -21.26 28.91 19.21
CA HIS A 289 -20.65 29.16 20.55
C HIS A 289 -19.80 27.92 20.92
N TRP A 290 -20.01 27.24 22.02
CA TRP A 290 -19.09 26.17 22.43
C TRP A 290 -19.31 24.91 21.60
N ILE A 291 -20.29 24.87 20.70
CA ILE A 291 -20.41 23.72 19.77
C ILE A 291 -19.26 23.80 18.75
N VAL A 292 -18.41 24.83 18.78
CA VAL A 292 -17.21 24.92 17.92
C VAL A 292 -16.24 23.81 18.29
N VAL A 293 -16.25 23.34 19.52
CA VAL A 293 -15.30 22.29 19.95
C VAL A 293 -15.66 20.95 19.31
N PRO A 294 -16.86 20.38 19.55
CA PRO A 294 -17.22 19.13 18.88
C PRO A 294 -17.31 19.29 17.34
N ALA A 295 -17.68 20.47 16.86
CA ALA A 295 -17.78 20.68 15.40
C ALA A 295 -16.40 20.63 14.77
N THR A 296 -15.44 21.28 15.41
CA THR A 296 -14.05 21.25 14.90
C THR A 296 -13.48 19.85 15.04
N PHE A 297 -13.80 19.16 16.13
CA PHE A 297 -13.36 17.76 16.32
C PHE A 297 -13.88 16.88 15.18
N ILE A 298 -15.14 17.02 14.81
CA ILE A 298 -15.75 16.13 13.80
C ILE A 298 -15.21 16.54 12.43
N SER A 299 -15.08 17.83 12.16
CA SER A 299 -14.59 18.25 10.83
C SER A 299 -13.13 17.79 10.64
N ALA A 300 -12.28 17.95 11.65
CA ALA A 300 -10.86 17.58 11.55
C ALA A 300 -10.78 16.05 11.38
N ALA A 301 -11.56 15.30 12.14
CA ALA A 301 -11.55 13.81 12.06
C ALA A 301 -12.06 13.36 10.70
N SER A 302 -13.12 13.95 10.18
CA SER A 302 -13.68 13.56 8.86
C SER A 302 -12.74 13.98 7.73
N LEU A 303 -12.26 15.23 7.70
CA LEU A 303 -11.51 15.74 6.51
C LEU A 303 -10.08 15.21 6.50
N PHE A 304 -9.42 15.10 7.65
CA PHE A 304 -8.03 14.56 7.69
C PHE A 304 -8.04 13.04 7.48
N CYS A 305 -9.16 12.35 7.73
CA CYS A 305 -9.25 10.91 7.39
C CYS A 305 -9.28 10.62 5.88
N ILE A 306 -9.93 11.45 5.08
CA ILE A 306 -9.86 11.34 3.59
C ILE A 306 -8.41 11.50 3.15
N GLU A 307 -7.69 12.47 3.72
CA GLU A 307 -6.26 12.66 3.36
C GLU A 307 -5.41 11.50 3.90
N GLN A 308 -5.73 11.00 5.07
CA GLN A 308 -4.93 9.89 5.65
C GLN A 308 -5.07 8.60 4.83
N VAL A 309 -6.26 8.31 4.34
CA VAL A 309 -6.47 7.09 3.52
C VAL A 309 -5.58 7.15 2.28
N GLY A 310 -5.56 8.32 1.65
CA GLY A 310 -4.75 8.49 0.45
C GLY A 310 -3.28 8.39 0.75
N VAL A 311 -2.87 8.96 1.84
CA VAL A 311 -1.42 8.89 2.24
C VAL A 311 -1.01 7.42 2.46
N LEU A 312 -1.85 6.62 3.11
CA LEU A 312 -1.46 5.23 3.49
C LEU A 312 -1.49 4.29 2.29
N ILE A 313 -2.31 4.52 1.31
CA ILE A 313 -2.28 3.64 0.10
C ILE A 313 -1.44 4.23 -1.03
N GLU A 314 -0.74 5.33 -0.84
CA GLU A 314 0.00 6.00 -1.95
C GLU A 314 1.12 5.07 -2.43
N GLU A 315 1.82 4.43 -1.52
CA GLU A 315 2.81 3.36 -1.82
C GLU A 315 2.12 2.05 -1.43
N PRO A 316 1.57 1.27 -2.38
CA PRO A 316 0.54 0.26 -2.05
C PRO A 316 0.94 -1.19 -1.74
N PHE A 317 2.24 -1.47 -1.84
CA PHE A 317 2.70 -2.88 -1.83
C PHE A 317 2.44 -3.48 -0.47
N PRO A 318 2.60 -2.77 0.68
CA PRO A 318 2.15 -3.34 1.97
C PRO A 318 0.64 -3.55 2.16
N MET A 319 -0.23 -3.14 1.28
CA MET A 319 -1.68 -3.36 1.41
C MET A 319 -2.06 -4.49 0.49
N LEU A 320 -1.11 -5.09 -0.15
CA LEU A 320 -1.40 -6.17 -1.08
C LEU A 320 -0.89 -7.43 -0.39
N ALA A 321 -1.60 -8.51 -0.59
CA ALA A 321 -1.20 -9.82 -0.11
C ALA A 321 -0.15 -10.41 -1.04
N LEU A 322 1.03 -9.84 -1.07
CA LEU A 322 2.08 -10.34 -1.97
C LEU A 322 2.51 -11.77 -1.58
N ASP A 323 2.46 -12.20 -0.33
CA ASP A 323 2.88 -13.60 0.00
C ASP A 323 1.89 -14.63 -0.52
N ASP A 324 0.60 -14.40 -0.38
CA ASP A 324 -0.42 -15.32 -0.95
C ASP A 324 -0.38 -15.37 -2.48
N LEU A 325 -0.18 -14.24 -3.18
CA LEU A 325 -0.06 -14.24 -4.68
C LEU A 325 1.19 -15.00 -5.11
N CYS A 326 2.30 -14.83 -4.40
CA CYS A 326 3.54 -15.58 -4.71
C CYS A 326 3.31 -17.09 -4.47
N ASN A 327 2.58 -17.48 -3.45
CA ASN A 327 2.37 -18.92 -3.14
C ASN A 327 1.46 -19.55 -4.17
N SER A 328 0.61 -18.76 -4.83
CA SER A 328 -0.28 -19.33 -5.87
C SER A 328 0.58 -19.86 -7.04
N VAL A 329 1.61 -19.15 -7.46
CA VAL A 329 2.46 -19.62 -8.57
C VAL A 329 3.17 -20.94 -8.18
N ARG A 330 3.77 -20.98 -7.02
CA ARG A 330 4.38 -22.20 -6.47
C ARG A 330 3.38 -23.36 -6.43
N ASN A 331 2.18 -23.16 -5.90
CA ASN A 331 1.12 -24.22 -5.86
C ASN A 331 0.69 -24.66 -7.27
N ASN A 332 0.55 -23.73 -8.18
CA ASN A 332 0.17 -24.03 -9.59
C ASN A 332 1.24 -24.82 -10.33
N VAL A 333 2.50 -24.52 -10.07
CA VAL A 333 3.58 -25.24 -10.79
C VAL A 333 3.73 -26.66 -10.24
N GLN A 334 3.49 -26.97 -9.04
CA GLN A 334 3.71 -28.32 -8.47
C GLN A 334 2.56 -29.27 -8.79
N GLU A 335 1.35 -28.73 -8.92
CA GLU A 335 0.11 -29.39 -9.38
C GLU A 335 0.26 -29.81 -10.83
N ALA A 336 0.85 -28.94 -11.64
CA ALA A 336 1.10 -29.18 -13.06
C ALA A 336 2.21 -30.23 -13.28
N LEU A 337 3.06 -30.46 -12.31
CA LEU A 337 4.18 -31.40 -12.50
C LEU A 337 3.69 -32.75 -12.05
N ALA A 338 2.58 -32.80 -11.33
CA ALA A 338 1.99 -34.05 -10.83
C ALA A 338 0.89 -34.55 -11.78
N SER A 339 0.19 -33.64 -12.45
CA SER A 339 -0.82 -33.84 -13.49
C SER A 339 -0.10 -34.20 -14.81
N GLU A 340 1.20 -34.00 -14.96
CA GLU A 340 1.87 -34.19 -16.29
C GLU A 340 1.75 -35.67 -16.73
N LYS A 341 2.16 -36.64 -15.93
CA LYS A 341 2.04 -38.09 -16.31
C LYS A 341 0.55 -38.39 -16.60
N LEU A 342 -0.41 -38.05 -15.79
CA LEU A 342 -1.82 -38.41 -16.12
C LEU A 342 -2.43 -37.66 -17.30
N ILE A 343 -1.95 -36.46 -17.71
CA ILE A 343 -2.47 -35.73 -18.92
C ILE A 343 -1.80 -36.38 -20.13
N ARG A 344 -0.52 -36.73 -20.02
CA ARG A 344 0.20 -37.38 -21.14
C ARG A 344 -0.49 -38.71 -21.42
N ALA A 345 -0.81 -39.46 -20.38
CA ALA A 345 -1.48 -40.76 -20.59
C ALA A 345 -2.85 -40.56 -21.28
N ARG A 346 -3.65 -39.64 -20.81
CA ARG A 346 -4.97 -39.45 -21.41
C ARG A 346 -4.86 -39.02 -22.88
N LEU A 347 -3.84 -38.27 -23.24
CA LEU A 347 -3.83 -37.71 -24.63
C LEU A 347 -3.17 -38.72 -25.54
N ALA A 348 -2.51 -39.71 -24.98
CA ALA A 348 -1.92 -40.80 -25.74
C ALA A 348 -2.99 -41.84 -25.97
N ALA A 349 -3.90 -41.92 -25.02
CA ALA A 349 -5.04 -42.83 -25.19
C ALA A 349 -5.92 -42.32 -26.32
N LYS A 350 -6.30 -41.04 -26.28
CA LYS A 350 -6.99 -40.44 -27.46
C LYS A 350 -6.35 -41.01 -28.72
N GLY A 351 -5.03 -40.88 -28.86
CA GLY A 351 -4.34 -41.25 -30.12
C GLY A 351 -4.32 -42.75 -30.36
#